data_1ZC5
#
_entry.id   1ZC5
#
_cell.length_a   1.000
_cell.length_b   1.000
_cell.length_c   1.000
_cell.angle_alpha   90.00
_cell.angle_beta   90.00
_cell.angle_gamma   90.00
#
_symmetry.space_group_name_H-M   'P 1'
#
_entity_poly.entity_id   1
_entity_poly.type   'polyribonucleotide'
_entity_poly.pdbx_seq_one_letter_code
;GGCGAUCUGGCCUUCCUACAAGGGAAGGCCAGGGAAUUGCC
;
_entity_poly.pdbx_strand_id   A
#
loop_
_chem_comp.id
_chem_comp.type
_chem_comp.name
_chem_comp.formula
A RNA linking ADENOSINE-5'-MONOPHOSPHATE 'C10 H14 N5 O7 P'
C RNA linking CYTIDINE-5'-MONOPHOSPHATE 'C9 H14 N3 O8 P'
G RNA linking GUANOSINE-5'-MONOPHOSPHATE 'C10 H14 N5 O8 P'
U RNA linking URIDINE-5'-MONOPHOSPHATE 'C9 H13 N2 O9 P'
#